data_5RPG
#
_entry.id   5RPG
#
_cell.length_a   67.960
_cell.length_b   67.960
_cell.length_c   102.400
_cell.angle_alpha   90.000
_cell.angle_beta   90.000
_cell.angle_gamma   90.000
#
_symmetry.space_group_name_H-M   'P 43 21 2'
#
loop_
_entity.id
_entity.type
_entity.pdbx_description
1 polymer 'Proteinase K'
2 non-polymer 'SULFATE ION'
3 non-polymer 'TRANS-4-AMINOMETHYLCYCLOHEXANE-1-CARBOXYLIC ACID'
4 water water
#
_entity_poly.entity_id   1
_entity_poly.type   'polypeptide(L)'
_entity_poly.pdbx_seq_one_letter_code
;AAQTNAPWGLARISSTSPGTSTYYYDESAGQGSCVYVIDTGIEASHPEFEGRAQMVKTYYYSSRDGNGHGTHCAGTVGSR
TYGVAKKTQLFGVKVLDDNGSGQYSTIIAGMDFVASDKNNRNCPKGVVASLSLGGGYSSSVNSAAARLQSSGVMVAVAAG
NNNADARNYSPASEPSVCTVGASDRYDRRSSFSNYGSVLDIFGPGTDILSTWIGGSTRSISGTSMATPHVAGLAAYLMTL
GKTTAASACRYIADTANKGDLSNIPFGTVNLLAYNNYQA
;
_entity_poly.pdbx_strand_id   A
#
loop_
_chem_comp.id
_chem_comp.type
_chem_comp.name
_chem_comp.formula
AMH non-polymer 'TRANS-4-AMINOMETHYLCYCLOHEXANE-1-CARBOXYLIC ACID' 'C8 H15 N O2'
SO4 non-polymer 'SULFATE ION' 'O4 S -2'
#
# COMPACT_ATOMS: atom_id res chain seq x y z
N ALA A 1 8.71 -17.09 -10.32
CA ALA A 1 7.36 -17.32 -10.84
C ALA A 1 7.02 -16.23 -11.85
N ALA A 2 6.10 -16.53 -12.76
CA ALA A 2 5.71 -15.61 -13.81
C ALA A 2 4.19 -15.64 -13.93
N GLN A 3 3.58 -14.46 -13.94
CA GLN A 3 2.16 -14.33 -14.20
C GLN A 3 1.98 -13.63 -15.55
N THR A 4 1.50 -14.39 -16.54
CA THR A 4 1.34 -13.83 -17.86
C THR A 4 0.12 -12.92 -17.93
N ASN A 5 0.15 -11.97 -18.86
CA ASN A 5 -1.00 -11.08 -19.07
C ASN A 5 -1.46 -10.40 -17.78
N ALA A 6 -0.50 -9.91 -16.99
CA ALA A 6 -0.79 -9.33 -15.69
C ALA A 6 -1.21 -7.88 -15.90
N PRO A 7 -1.84 -7.25 -14.89
CA PRO A 7 -2.05 -5.80 -15.00
C PRO A 7 -0.73 -5.07 -15.16
N TRP A 8 -0.77 -3.94 -15.87
CA TRP A 8 0.47 -3.28 -16.26
C TRP A 8 1.32 -2.91 -15.06
N GLY A 9 0.67 -2.55 -13.94
CA GLY A 9 1.42 -2.09 -12.78
C GLY A 9 2.25 -3.19 -12.14
N LEU A 10 1.69 -4.41 -12.07
CA LEU A 10 2.49 -5.53 -11.56
C LEU A 10 3.67 -5.82 -12.48
N ALA A 11 3.42 -5.83 -13.79
CA ALA A 11 4.53 -6.00 -14.72
C ALA A 11 5.57 -4.91 -14.55
N ARG A 12 5.12 -3.68 -14.29
CA ARG A 12 6.07 -2.57 -14.19
C ARG A 12 6.97 -2.72 -12.97
N ILE A 13 6.42 -3.15 -11.84
N ILE A 13 6.38 -3.18 -11.86
N ILE A 13 6.42 -3.15 -11.84
N ILE A 13 6.37 -3.18 -11.85
CA ILE A 13 7.25 -3.25 -10.64
CA ILE A 13 7.09 -3.39 -10.60
CA ILE A 13 7.25 -3.25 -10.64
CA ILE A 13 7.08 -3.39 -10.59
C ILE A 13 8.20 -4.45 -10.66
C ILE A 13 8.28 -4.33 -10.81
C ILE A 13 8.20 -4.45 -10.66
C ILE A 13 8.25 -4.34 -10.78
N SER A 14 8.11 -5.32 -11.68
CA SER A 14 9.12 -6.37 -11.86
C SER A 14 9.97 -6.17 -13.11
N SER A 15 9.96 -4.97 -13.68
CA SER A 15 10.68 -4.70 -14.92
C SER A 15 11.61 -3.51 -14.80
N THR A 16 12.74 -3.59 -15.50
CA THR A 16 13.58 -2.41 -15.70
C THR A 16 13.11 -1.53 -16.86
N SER A 17 12.07 -1.92 -17.59
CA SER A 17 11.60 -1.16 -18.73
C SER A 17 10.08 -1.13 -18.72
N PRO A 18 9.48 -0.05 -19.20
CA PRO A 18 8.03 -0.03 -19.40
C PRO A 18 7.66 -0.86 -20.62
N GLY A 19 6.39 -1.16 -20.73
CA GLY A 19 5.89 -1.80 -21.94
C GLY A 19 5.88 -3.30 -21.96
N THR A 20 5.97 -3.96 -20.81
CA THR A 20 5.87 -5.41 -20.73
C THR A 20 4.61 -5.78 -19.95
N SER A 21 4.22 -7.05 -20.05
CA SER A 21 2.94 -7.48 -19.49
C SER A 21 2.99 -8.69 -18.57
N THR A 22 4.17 -9.23 -18.28
CA THR A 22 4.29 -10.36 -17.36
C THR A 22 4.84 -9.88 -16.03
N TYR A 23 4.26 -10.35 -14.93
CA TYR A 23 4.77 -10.06 -13.59
C TYR A 23 5.65 -11.20 -13.13
N TYR A 24 6.89 -10.89 -12.75
CA TYR A 24 7.84 -11.89 -12.27
C TYR A 24 8.13 -11.67 -10.78
N TYR A 25 8.09 -12.74 -9.99
CA TYR A 25 8.24 -12.61 -8.54
C TYR A 25 8.63 -13.96 -7.95
N ASP A 26 9.33 -13.91 -6.82
CA ASP A 26 9.64 -15.14 -6.11
C ASP A 26 8.36 -15.77 -5.57
N GLU A 27 8.27 -17.10 -5.68
CA GLU A 27 7.05 -17.81 -5.35
C GLU A 27 6.68 -17.71 -3.87
N SER A 28 7.60 -17.28 -3.00
CA SER A 28 7.21 -17.09 -1.59
C SER A 28 6.08 -16.09 -1.48
N ALA A 29 6.05 -15.08 -2.34
CA ALA A 29 4.85 -14.26 -2.58
C ALA A 29 4.31 -13.61 -1.31
N GLY A 30 5.18 -13.23 -0.38
CA GLY A 30 4.68 -12.60 0.84
C GLY A 30 4.10 -13.53 1.89
N GLN A 31 4.26 -14.84 1.74
N GLN A 31 4.23 -14.84 1.74
N GLN A 31 4.26 -14.84 1.74
N GLN A 31 4.26 -14.84 1.74
CA GLN A 31 3.83 -15.78 2.76
CA GLN A 31 3.69 -15.78 2.73
CA GLN A 31 3.83 -15.78 2.76
CA GLN A 31 3.71 -15.77 2.73
C GLN A 31 4.39 -15.37 4.11
C GLN A 31 4.37 -15.57 4.08
C GLN A 31 4.39 -15.37 4.11
C GLN A 31 4.37 -15.57 4.09
N GLY A 32 3.55 -15.47 5.13
CA GLY A 32 4.03 -15.23 6.49
C GLY A 32 4.07 -13.76 6.88
N SER A 33 3.76 -12.86 5.95
CA SER A 33 3.63 -11.45 6.25
C SER A 33 2.16 -11.11 6.39
N CYS A 34 1.92 -9.89 6.86
N CYS A 34 1.89 -9.89 6.85
N CYS A 34 1.92 -9.89 6.86
N CYS A 34 1.90 -9.88 6.85
CA CYS A 34 0.57 -9.35 7.01
CA CYS A 34 0.50 -9.44 6.95
CA CYS A 34 0.57 -9.35 7.01
CA CYS A 34 0.52 -9.42 6.90
C CYS A 34 0.55 -7.93 6.46
C CYS A 34 0.39 -7.94 6.69
C CYS A 34 0.55 -7.93 6.46
C CYS A 34 0.45 -7.94 6.62
N VAL A 35 -0.58 -7.55 5.88
CA VAL A 35 -0.79 -6.17 5.43
C VAL A 35 -2.16 -5.70 5.90
N TYR A 36 -2.17 -4.60 6.65
CA TYR A 36 -3.41 -3.96 7.07
C TYR A 36 -3.77 -2.92 6.03
N VAL A 37 -5.01 -2.95 5.57
CA VAL A 37 -5.54 -1.99 4.62
C VAL A 37 -6.53 -1.13 5.38
N ILE A 38 -6.15 0.12 5.62
CA ILE A 38 -6.89 1.04 6.48
C ILE A 38 -7.67 1.95 5.55
N ASP A 39 -8.98 1.71 5.42
CA ASP A 39 -9.71 2.27 4.28
C ASP A 39 -11.21 2.08 4.49
N THR A 40 -11.97 1.80 3.42
CA THR A 40 -13.42 1.61 3.51
C THR A 40 -13.82 0.19 3.85
N GLY A 41 -12.86 -0.70 4.14
CA GLY A 41 -13.14 -2.10 4.36
C GLY A 41 -12.60 -2.95 3.22
N ILE A 42 -12.82 -4.26 3.35
CA ILE A 42 -12.44 -5.23 2.31
C ILE A 42 -13.57 -6.24 2.19
N GLU A 43 -14.01 -6.50 0.96
CA GLU A 43 -14.96 -7.59 0.69
C GLU A 43 -14.17 -8.89 0.75
N ALA A 44 -14.01 -9.44 1.97
CA ALA A 44 -13.16 -10.61 2.17
C ALA A 44 -13.67 -11.85 1.45
N SER A 45 -14.97 -11.92 1.16
CA SER A 45 -15.53 -13.07 0.46
C SER A 45 -15.21 -13.09 -1.03
N HIS A 46 -14.57 -12.04 -1.58
CA HIS A 46 -14.24 -12.05 -2.99
C HIS A 46 -13.34 -13.25 -3.31
N PRO A 47 -13.68 -14.05 -4.33
CA PRO A 47 -12.83 -15.22 -4.67
C PRO A 47 -11.37 -14.88 -4.83
N GLU A 48 -11.07 -13.66 -5.27
CA GLU A 48 -9.69 -13.24 -5.49
C GLU A 48 -8.84 -13.25 -4.22
N PHE A 49 -9.45 -13.24 -3.04
CA PHE A 49 -8.67 -13.23 -1.80
C PHE A 49 -8.41 -14.61 -1.23
N GLU A 50 -9.14 -15.63 -1.69
CA GLU A 50 -8.83 -17.03 -1.37
C GLU A 50 -8.83 -17.34 0.12
N GLY A 51 -9.63 -16.63 0.91
CA GLY A 51 -9.64 -16.86 2.34
C GLY A 51 -8.56 -16.13 3.12
N ARG A 52 -7.65 -15.42 2.45
CA ARG A 52 -6.55 -14.73 3.11
C ARG A 52 -6.91 -13.33 3.59
N ALA A 53 -8.13 -12.84 3.34
CA ALA A 53 -8.53 -11.53 3.81
C ALA A 53 -9.54 -11.66 4.95
N GLN A 54 -9.47 -10.72 5.88
N GLN A 54 -9.50 -10.69 5.88
N GLN A 54 -9.47 -10.72 5.88
N GLN A 54 -9.53 -10.68 5.86
CA GLN A 54 -10.48 -10.66 6.92
CA GLN A 54 -10.39 -10.72 7.04
CA GLN A 54 -10.48 -10.66 6.92
CA GLN A 54 -10.41 -10.72 7.02
C GLN A 54 -10.59 -9.23 7.41
C GLN A 54 -10.54 -9.32 7.63
C GLN A 54 -10.59 -9.23 7.41
C GLN A 54 -10.55 -9.32 7.60
N MET A 55 -11.78 -8.88 7.81
CA MET A 55 -12.03 -7.64 8.55
C MET A 55 -11.72 -7.84 10.02
N VAL A 56 -10.98 -6.90 10.59
CA VAL A 56 -10.63 -6.95 12.00
C VAL A 56 -11.17 -5.77 12.80
N LYS A 57 -11.57 -4.67 12.18
CA LYS A 57 -12.07 -3.53 12.93
C LYS A 57 -12.90 -2.65 12.03
N THR A 58 -14.00 -2.11 12.57
CA THR A 58 -14.77 -1.07 11.92
C THR A 58 -15.18 -0.04 12.96
N TYR A 59 -15.37 1.19 12.51
CA TYR A 59 -15.85 2.28 13.36
C TYR A 59 -17.26 2.69 13.01
N TYR A 60 -17.95 1.88 12.19
CA TYR A 60 -19.26 2.19 11.66
C TYR A 60 -20.20 1.02 11.97
N TYR A 61 -21.48 1.18 11.60
CA TYR A 61 -22.44 0.15 11.94
C TYR A 61 -22.14 -1.21 11.29
N SER A 62 -21.33 -1.25 10.22
CA SER A 62 -21.00 -2.51 9.58
C SER A 62 -19.53 -2.52 9.23
N SER A 63 -18.97 -3.72 9.11
CA SER A 63 -17.61 -3.89 8.59
C SER A 63 -17.59 -4.07 7.08
N ARG A 64 -18.75 -4.09 6.43
CA ARG A 64 -18.79 -4.33 4.98
C ARG A 64 -18.22 -3.14 4.23
N ASP A 65 -17.47 -3.41 3.15
CA ASP A 65 -17.08 -2.36 2.23
C ASP A 65 -18.25 -2.08 1.30
N GLY A 66 -18.98 -0.99 1.59
CA GLY A 66 -20.04 -0.57 0.70
C GLY A 66 -19.61 0.42 -0.36
N ASN A 67 -18.30 0.71 -0.46
CA ASN A 67 -17.77 1.68 -1.40
C ASN A 67 -17.02 1.01 -2.55
N GLY A 68 -16.06 0.13 -2.25
CA GLY A 68 -15.23 -0.51 -3.24
C GLY A 68 -13.77 -0.12 -3.14
N HIS A 69 -13.49 1.09 -2.68
CA HIS A 69 -12.10 1.60 -2.68
C HIS A 69 -11.17 0.70 -1.86
N GLY A 70 -11.58 0.35 -0.65
CA GLY A 70 -10.74 -0.50 0.19
C GLY A 70 -10.52 -1.87 -0.43
N THR A 71 -11.56 -2.43 -1.05
CA THR A 71 -11.42 -3.73 -1.72
C THR A 71 -10.44 -3.64 -2.88
N HIS A 72 -10.46 -2.52 -3.62
CA HIS A 72 -9.54 -2.35 -4.73
C HIS A 72 -8.10 -2.26 -4.25
N CYS A 73 -7.85 -1.45 -3.23
CA CYS A 73 -6.51 -1.35 -2.65
C CYS A 73 -6.03 -2.70 -2.12
N ALA A 74 -6.88 -3.41 -1.37
CA ALA A 74 -6.50 -4.72 -0.86
C ALA A 74 -6.16 -5.68 -1.99
N GLY A 75 -6.89 -5.58 -3.10
CA GLY A 75 -6.61 -6.43 -4.25
C GLY A 75 -5.24 -6.16 -4.84
N THR A 76 -4.81 -4.90 -4.87
CA THR A 76 -3.49 -4.59 -5.38
C THR A 76 -2.40 -5.08 -4.44
N VAL A 77 -2.65 -5.06 -3.13
CA VAL A 77 -1.69 -5.63 -2.19
C VAL A 77 -1.54 -7.12 -2.42
N GLY A 78 -2.66 -7.84 -2.47
CA GLY A 78 -2.60 -9.26 -2.23
C GLY A 78 -3.62 -10.17 -2.89
N SER A 79 -4.41 -9.70 -3.86
CA SER A 79 -5.29 -10.63 -4.55
C SER A 79 -4.47 -11.58 -5.43
N ARG A 80 -5.06 -12.74 -5.74
CA ARG A 80 -4.34 -13.75 -6.53
C ARG A 80 -3.97 -13.22 -7.91
N THR A 81 -4.89 -12.52 -8.61
CA THR A 81 -4.62 -12.06 -9.97
C THR A 81 -4.07 -10.64 -9.99
N TYR A 82 -4.55 -9.77 -9.11
CA TYR A 82 -4.25 -8.35 -9.23
C TYR A 82 -3.23 -7.88 -8.21
N GLY A 83 -2.71 -8.78 -7.37
CA GLY A 83 -1.90 -8.41 -6.22
C GLY A 83 -0.40 -8.63 -6.36
N VAL A 84 0.36 -7.78 -5.65
CA VAL A 84 1.82 -7.88 -5.63
C VAL A 84 2.26 -9.08 -4.81
N ALA A 85 1.65 -9.27 -3.63
CA ALA A 85 2.09 -10.26 -2.63
C ALA A 85 0.96 -11.27 -2.49
N LYS A 86 1.00 -12.28 -3.35
CA LYS A 86 -0.17 -13.13 -3.60
C LYS A 86 -0.45 -14.13 -2.48
N LYS A 87 0.42 -14.24 -1.47
N LYS A 87 0.43 -14.26 -1.48
N LYS A 87 0.42 -14.24 -1.47
N LYS A 87 0.43 -14.26 -1.48
CA LYS A 87 0.23 -15.15 -0.36
CA LYS A 87 0.22 -15.16 -0.36
CA LYS A 87 0.23 -15.15 -0.36
CA LYS A 87 0.22 -15.16 -0.36
C LYS A 87 0.16 -14.44 0.98
C LYS A 87 0.21 -14.43 0.99
C LYS A 87 0.16 -14.44 0.98
C LYS A 87 0.21 -14.43 0.99
N THR A 88 0.14 -13.10 0.99
CA THR A 88 0.10 -12.37 2.25
C THR A 88 -1.28 -12.50 2.91
N GLN A 89 -1.31 -12.22 4.22
CA GLN A 89 -2.56 -12.13 4.96
C GLN A 89 -3.01 -10.68 4.95
N LEU A 90 -4.27 -10.43 4.61
CA LEU A 90 -4.82 -9.08 4.51
C LEU A 90 -5.80 -8.84 5.65
N PHE A 91 -5.62 -7.73 6.36
N PHE A 91 -5.66 -7.69 6.32
N PHE A 91 -5.62 -7.73 6.36
N PHE A 91 -5.67 -7.69 6.32
CA PHE A 91 -6.51 -7.35 7.45
CA PHE A 91 -6.49 -7.35 7.47
CA PHE A 91 -6.51 -7.35 7.45
CA PHE A 91 -6.50 -7.34 7.47
C PHE A 91 -7.15 -6.02 7.09
C PHE A 91 -7.14 -5.98 7.22
C PHE A 91 -7.15 -6.02 7.09
C PHE A 91 -7.14 -5.97 7.24
N GLY A 92 -8.47 -5.94 7.24
CA GLY A 92 -9.20 -4.72 6.93
C GLY A 92 -9.55 -3.94 8.19
N VAL A 93 -9.31 -2.64 8.13
CA VAL A 93 -9.67 -1.71 9.20
C VAL A 93 -10.51 -0.62 8.55
N LYS A 94 -11.80 -0.59 8.85
CA LYS A 94 -12.71 0.33 8.17
C LYS A 94 -12.77 1.65 8.96
N VAL A 95 -11.94 2.61 8.54
CA VAL A 95 -11.98 3.97 9.10
C VAL A 95 -12.76 4.94 8.23
N LEU A 96 -13.09 4.57 7.00
CA LEU A 96 -13.86 5.42 6.11
C LEU A 96 -15.23 4.80 5.91
N ASP A 97 -16.27 5.65 5.88
CA ASP A 97 -17.63 5.18 5.63
C ASP A 97 -17.80 4.81 4.16
N ASP A 98 -19.02 4.43 3.79
CA ASP A 98 -19.23 3.93 2.44
C ASP A 98 -19.24 5.04 1.39
N ASN A 99 -19.27 6.30 1.80
CA ASN A 99 -19.02 7.40 0.89
C ASN A 99 -17.55 7.76 0.78
N GLY A 100 -16.67 7.03 1.46
CA GLY A 100 -15.25 7.31 1.38
C GLY A 100 -14.79 8.39 2.33
N SER A 101 -15.62 8.78 3.30
CA SER A 101 -15.33 9.88 4.20
C SER A 101 -15.04 9.35 5.60
N GLY A 102 -14.26 10.12 6.36
CA GLY A 102 -14.01 9.77 7.74
C GLY A 102 -13.35 10.91 8.49
N GLN A 103 -13.62 11.02 9.79
CA GLN A 103 -12.97 12.04 10.59
C GLN A 103 -11.52 11.65 10.86
N TYR A 104 -10.66 12.67 11.00
CA TYR A 104 -9.28 12.40 11.41
C TYR A 104 -9.20 11.65 12.73
N SER A 105 -10.11 11.92 13.67
CA SER A 105 -10.07 11.18 14.94
C SER A 105 -10.22 9.67 14.71
N THR A 106 -11.08 9.29 13.75
CA THR A 106 -11.31 7.88 13.47
C THR A 106 -10.11 7.26 12.77
N ILE A 107 -9.51 8.02 11.84
CA ILE A 107 -8.34 7.53 11.14
C ILE A 107 -7.19 7.31 12.11
N ILE A 108 -7.01 8.24 13.06
CA ILE A 108 -5.97 8.10 14.07
C ILE A 108 -6.24 6.87 14.93
N ALA A 109 -7.49 6.70 15.38
CA ALA A 109 -7.82 5.50 16.17
C ALA A 109 -7.51 4.22 15.40
N GLY A 110 -7.76 4.21 14.10
CA GLY A 110 -7.46 3.03 13.31
C GLY A 110 -5.98 2.73 13.21
N MET A 111 -5.15 3.77 13.17
CA MET A 111 -3.71 3.56 13.13
C MET A 111 -3.21 3.04 14.48
N ASP A 112 -3.69 3.60 15.57
CA ASP A 112 -3.33 3.09 16.89
C ASP A 112 -3.80 1.66 17.06
N PHE A 113 -4.97 1.33 16.48
CA PHE A 113 -5.46 -0.03 16.53
C PHE A 113 -4.47 -0.99 15.89
N VAL A 114 -3.99 -0.67 14.69
CA VAL A 114 -3.08 -1.58 14.00
C VAL A 114 -1.81 -1.78 14.80
N ALA A 115 -1.28 -0.70 15.40
CA ALA A 115 -0.04 -0.80 16.17
C ALA A 115 -0.15 -1.80 17.30
N SER A 116 -1.34 -1.94 17.90
CA SER A 116 -1.58 -2.92 18.95
C SER A 116 -2.04 -4.26 18.39
N ASP A 117 -2.98 -4.24 17.46
CA ASP A 117 -3.57 -5.47 16.96
C ASP A 117 -2.55 -6.38 16.30
N LYS A 118 -1.48 -5.81 15.75
CA LYS A 118 -0.49 -6.66 15.12
C LYS A 118 0.09 -7.70 16.05
N ASN A 119 0.04 -7.38 17.36
N ASN A 119 0.04 -7.38 17.36
N ASN A 119 0.04 -7.38 17.35
N ASN A 119 0.06 -7.38 17.36
CA ASN A 119 0.52 -8.24 18.43
CA ASN A 119 0.52 -8.24 18.43
CA ASN A 119 0.54 -8.25 18.40
CA ASN A 119 0.56 -8.26 18.41
C ASN A 119 -0.46 -9.37 18.71
C ASN A 119 -0.46 -9.37 18.71
C ASN A 119 -0.46 -9.34 18.75
C ASN A 119 -0.46 -9.34 18.75
N ASN A 120 -1.72 -9.19 18.35
CA ASN A 120 -2.61 -10.34 18.31
C ASN A 120 -2.60 -11.19 17.01
N ARG A 121 -1.69 -10.97 16.04
CA ARG A 121 -1.78 -11.69 14.77
C ARG A 121 -0.47 -12.40 14.46
N ASN A 122 -0.52 -13.46 13.69
CA ASN A 122 0.70 -14.20 13.36
C ASN A 122 1.27 -13.72 12.05
N CYS A 123 2.34 -12.93 12.14
CA CYS A 123 2.98 -12.29 11.00
C CYS A 123 4.48 -12.42 11.16
N PRO A 124 5.00 -13.65 11.15
CA PRO A 124 6.43 -13.83 11.47
C PRO A 124 7.39 -13.15 10.51
N LYS A 125 6.97 -12.90 9.27
CA LYS A 125 7.85 -12.24 8.32
C LYS A 125 7.72 -10.72 8.34
N GLY A 126 6.72 -10.16 9.03
CA GLY A 126 6.63 -8.73 9.19
C GLY A 126 5.25 -8.20 8.86
N VAL A 127 5.06 -6.94 9.24
CA VAL A 127 3.76 -6.27 9.17
C VAL A 127 3.89 -4.97 8.38
N VAL A 128 2.89 -4.72 7.52
CA VAL A 128 2.80 -3.53 6.67
C VAL A 128 1.42 -2.92 6.87
N ALA A 129 1.33 -1.61 6.73
CA ALA A 129 0.04 -0.93 6.70
C ALA A 129 -0.01 -0.05 5.45
N SER A 130 -1.13 -0.13 4.73
CA SER A 130 -1.37 0.65 3.52
C SER A 130 -2.48 1.68 3.81
N LEU A 131 -2.15 2.96 3.63
N LEU A 131 -2.14 2.96 3.67
N LEU A 131 -2.15 2.96 3.63
N LEU A 131 -2.14 2.96 3.66
CA LEU A 131 -3.04 4.08 3.94
CA LEU A 131 -3.06 4.08 3.94
CA LEU A 131 -3.04 4.08 3.94
CA LEU A 131 -3.05 4.07 3.94
C LEU A 131 -3.28 4.89 2.66
C LEU A 131 -3.28 4.88 2.67
C LEU A 131 -3.28 4.89 2.66
C LEU A 131 -3.28 4.88 2.67
N SER A 132 -4.30 4.50 1.90
CA SER A 132 -4.66 5.22 0.68
C SER A 132 -5.71 6.31 0.98
N LEU A 133 -5.29 7.26 1.81
CA LEU A 133 -6.21 8.30 2.25
C LEU A 133 -5.39 9.48 2.73
N GLY A 134 -6.07 10.61 2.91
CA GLY A 134 -5.41 11.75 3.49
C GLY A 134 -6.26 12.98 3.32
N GLY A 135 -5.77 14.06 3.89
CA GLY A 135 -6.41 15.35 3.78
C GLY A 135 -5.39 16.42 4.08
N GLY A 136 -5.87 17.59 4.51
CA GLY A 136 -4.97 18.68 4.81
C GLY A 136 -4.08 18.39 5.99
N TYR A 137 -3.01 19.18 6.12
CA TYR A 137 -1.99 18.91 7.13
C TYR A 137 -2.60 18.85 8.52
N SER A 138 -2.19 17.82 9.29
CA SER A 138 -2.55 17.72 10.70
C SER A 138 -1.38 17.10 11.44
N SER A 139 -0.84 17.80 12.43
N SER A 139 -0.88 17.80 12.46
N SER A 139 -0.84 17.80 12.43
N SER A 139 -0.88 17.80 12.46
CA SER A 139 0.27 17.22 13.18
CA SER A 139 0.20 17.25 13.28
CA SER A 139 0.27 17.22 13.18
CA SER A 139 0.19 17.26 13.28
C SER A 139 -0.17 15.97 13.94
C SER A 139 -0.24 15.98 14.00
C SER A 139 -0.17 15.97 13.94
C SER A 139 -0.24 15.98 14.00
N SER A 140 -1.44 15.92 14.36
N SER A 140 -1.51 15.91 14.42
N SER A 140 -1.44 15.92 14.36
N SER A 140 -1.51 15.91 14.40
CA SER A 140 -1.91 14.74 15.09
CA SER A 140 -1.98 14.72 15.11
CA SER A 140 -1.91 14.74 15.09
CA SER A 140 -1.98 14.72 15.11
C SER A 140 -1.99 13.52 14.18
C SER A 140 -2.02 13.51 14.19
C SER A 140 -1.99 13.52 14.18
C SER A 140 -2.02 13.51 14.19
N VAL A 141 -2.43 13.71 12.94
CA VAL A 141 -2.47 12.60 11.98
C VAL A 141 -1.07 12.13 11.67
N ASN A 142 -0.14 13.06 11.47
CA ASN A 142 1.24 12.66 11.19
C ASN A 142 1.84 11.93 12.37
N SER A 143 1.52 12.37 13.58
N SER A 143 1.54 12.38 13.58
N SER A 143 1.52 12.37 13.58
N SER A 143 1.54 12.37 13.59
CA SER A 143 2.06 11.73 14.78
CA SER A 143 2.07 11.72 14.77
CA SER A 143 2.06 11.73 14.78
CA SER A 143 2.07 11.71 14.77
C SER A 143 1.55 10.29 14.91
C SER A 143 1.55 10.28 14.88
C SER A 143 1.55 10.29 14.91
C SER A 143 1.55 10.28 14.88
N ALA A 144 0.27 10.08 14.57
CA ALA A 144 -0.29 8.73 14.61
C ALA A 144 0.39 7.84 13.59
N ALA A 145 0.67 8.35 12.40
CA ALA A 145 1.38 7.56 11.40
C ALA A 145 2.81 7.25 11.86
N ALA A 146 3.47 8.23 12.47
CA ALA A 146 4.81 8.01 13.01
C ALA A 146 4.80 6.99 14.15
N ARG A 147 3.77 7.02 15.01
CA ARG A 147 3.66 6.00 16.05
C ARG A 147 3.49 4.61 15.46
N LEU A 148 2.63 4.49 14.44
CA LEU A 148 2.42 3.17 13.86
C LEU A 148 3.71 2.63 13.24
N GLN A 149 4.45 3.47 12.51
CA GLN A 149 5.73 3.07 11.97
C GLN A 149 6.69 2.64 13.08
N SER A 150 6.80 3.46 14.12
CA SER A 150 7.73 3.19 15.22
C SER A 150 7.41 1.88 15.92
N SER A 151 6.13 1.46 15.93
CA SER A 151 5.75 0.22 16.58
C SER A 151 6.26 -1.02 15.86
N GLY A 152 6.82 -0.86 14.65
CA GLY A 152 7.33 -1.99 13.89
C GLY A 152 6.46 -2.38 12.72
N VAL A 153 5.80 -1.42 12.09
CA VAL A 153 4.95 -1.64 10.93
C VAL A 153 5.48 -0.77 9.81
N MET A 154 5.63 -1.36 8.62
N MET A 154 5.69 -1.37 8.64
N MET A 154 5.63 -1.36 8.62
N MET A 154 5.68 -1.37 8.64
CA MET A 154 6.03 -0.58 7.45
CA MET A 154 6.03 -0.58 7.47
CA MET A 154 6.03 -0.58 7.45
CA MET A 154 6.03 -0.59 7.45
C MET A 154 4.82 0.18 6.93
C MET A 154 4.79 0.18 7.01
C MET A 154 4.82 0.18 6.93
C MET A 154 4.78 0.18 7.01
N VAL A 155 4.80 1.50 7.15
CA VAL A 155 3.65 2.34 6.80
C VAL A 155 3.86 2.97 5.43
N ALA A 156 2.96 2.65 4.50
CA ALA A 156 2.95 3.26 3.17
C ALA A 156 1.71 4.14 3.04
N VAL A 157 1.91 5.40 2.64
CA VAL A 157 0.81 6.37 2.57
C VAL A 157 0.77 7.04 1.20
N ALA A 158 -0.43 7.36 0.75
CA ALA A 158 -0.60 8.06 -0.51
C ALA A 158 -0.12 9.51 -0.43
N ALA A 159 0.55 9.97 -1.51
CA ALA A 159 1.00 11.36 -1.52
C ALA A 159 -0.16 12.35 -1.66
N GLY A 160 -1.26 11.95 -2.27
CA GLY A 160 -2.38 12.82 -2.54
C GLY A 160 -2.52 13.09 -4.04
N ASN A 161 -3.72 13.55 -4.43
N ASN A 161 -3.72 13.55 -4.42
N ASN A 161 -3.72 13.55 -4.43
N ASN A 161 -3.73 13.54 -4.42
CA ASN A 161 -4.14 13.61 -5.83
CA ASN A 161 -4.16 13.62 -5.81
CA ASN A 161 -4.14 13.61 -5.83
CA ASN A 161 -4.16 13.62 -5.81
C ASN A 161 -4.47 15.02 -6.29
C ASN A 161 -4.53 15.04 -6.22
C ASN A 161 -4.47 15.02 -6.29
C ASN A 161 -4.53 15.04 -6.22
N ASN A 162 -3.75 16.03 -5.80
CA ASN A 162 -4.06 17.43 -6.10
C ASN A 162 -3.03 18.08 -7.02
N ASN A 163 -2.11 17.31 -7.59
CA ASN A 163 -1.01 17.87 -8.38
C ASN A 163 -0.36 19.05 -7.63
N ALA A 164 -0.04 18.79 -6.36
CA ALA A 164 0.46 19.82 -5.46
C ALA A 164 1.57 19.23 -4.59
N ASP A 165 2.24 20.10 -3.85
CA ASP A 165 3.30 19.64 -2.95
C ASP A 165 2.67 18.92 -1.77
N ALA A 166 3.10 17.68 -1.55
CA ALA A 166 2.55 16.83 -0.50
C ALA A 166 2.91 17.30 0.91
N ARG A 167 3.76 18.32 1.04
CA ARG A 167 4.08 18.81 2.38
C ARG A 167 2.83 19.34 3.09
N ASN A 168 1.77 19.68 2.35
CA ASN A 168 0.57 20.26 2.92
C ASN A 168 -0.53 19.23 3.13
N TYR A 169 -0.19 17.94 3.09
CA TYR A 169 -1.17 16.89 3.24
C TYR A 169 -0.71 15.89 4.30
N SER A 170 -1.67 15.25 4.96
CA SER A 170 -1.40 14.27 6.00
C SER A 170 -2.20 13.00 5.76
N PRO A 171 -1.60 11.82 6.05
CA PRO A 171 -0.28 11.61 6.63
C PRO A 171 0.91 11.71 5.62
N ALA A 172 0.65 12.11 4.37
CA ALA A 172 1.71 12.19 3.35
C ALA A 172 2.96 12.92 3.82
N SER A 173 2.78 13.99 4.58
CA SER A 173 3.89 14.84 4.98
C SER A 173 4.66 14.33 6.19
N GLU A 174 4.29 13.21 6.79
CA GLU A 174 5.05 12.70 7.92
C GLU A 174 6.36 12.09 7.43
N PRO A 175 7.52 12.60 7.86
CA PRO A 175 8.78 12.13 7.27
C PRO A 175 9.08 10.66 7.52
N SER A 176 8.61 10.08 8.63
CA SER A 176 9.06 8.74 9.01
C SER A 176 8.31 7.61 8.31
N VAL A 177 7.27 7.88 7.53
CA VAL A 177 6.55 6.84 6.81
C VAL A 177 6.95 6.92 5.34
N CYS A 178 6.43 6.01 4.52
CA CYS A 178 6.83 5.91 3.13
C CYS A 178 5.75 6.56 2.27
N THR A 179 6.06 7.72 1.69
CA THR A 179 5.08 8.51 0.95
C THR A 179 5.20 8.21 -0.54
N VAL A 180 4.07 7.81 -1.15
CA VAL A 180 4.05 7.18 -2.47
C VAL A 180 3.32 8.08 -3.47
N GLY A 181 4.04 8.48 -4.54
CA GLY A 181 3.40 9.13 -5.68
C GLY A 181 3.00 8.13 -6.75
N ALA A 182 2.30 8.62 -7.78
CA ALA A 182 1.72 7.78 -8.82
C ALA A 182 2.35 8.04 -10.18
N SER A 183 2.56 6.96 -10.93
CA SER A 183 3.00 7.02 -12.33
C SER A 183 2.02 6.29 -13.25
N ASP A 184 2.17 6.52 -14.55
CA ASP A 184 1.35 5.87 -15.56
C ASP A 184 2.17 4.85 -16.36
N ARG A 185 1.49 4.17 -17.30
CA ARG A 185 2.15 3.03 -17.96
C ARG A 185 3.21 3.46 -18.97
N TYR A 186 3.32 4.76 -19.25
CA TYR A 186 4.38 5.30 -20.09
C TYR A 186 5.46 5.96 -19.27
N ASP A 187 5.53 5.65 -17.97
CA ASP A 187 6.58 6.17 -17.09
C ASP A 187 6.53 7.70 -17.00
N ARG A 188 5.32 8.25 -17.01
CA ARG A 188 5.10 9.65 -16.71
C ARG A 188 4.52 9.77 -15.31
N ARG A 189 4.89 10.83 -14.59
CA ARG A 189 4.15 11.14 -13.37
C ARG A 189 2.68 11.27 -13.72
N SER A 190 1.82 10.63 -12.93
CA SER A 190 0.39 10.74 -13.17
C SER A 190 -0.02 12.20 -13.04
N SER A 191 -0.99 12.61 -13.87
CA SER A 191 -1.35 14.02 -13.96
C SER A 191 -1.79 14.61 -12.62
N PHE A 192 -2.43 13.80 -11.78
CA PHE A 192 -2.96 14.26 -10.49
C PHE A 192 -1.98 14.05 -9.34
N SER A 193 -0.85 13.39 -9.55
CA SER A 193 -0.05 12.97 -8.41
C SER A 193 0.56 14.16 -7.70
N ASN A 194 0.42 14.20 -6.38
CA ASN A 194 1.24 15.13 -5.62
C ASN A 194 2.73 14.81 -5.80
N TYR A 195 3.57 15.76 -5.41
CA TYR A 195 5.02 15.68 -5.59
C TYR A 195 5.66 16.37 -4.39
N GLY A 196 6.96 16.56 -4.45
CA GLY A 196 7.67 17.30 -3.42
C GLY A 196 8.77 16.47 -2.77
N SER A 197 9.57 17.17 -1.97
CA SER A 197 10.68 16.52 -1.29
C SER A 197 10.23 15.44 -0.30
N VAL A 198 8.98 15.50 0.19
CA VAL A 198 8.52 14.49 1.13
C VAL A 198 8.27 13.14 0.47
N LEU A 199 8.13 13.07 -0.86
CA LEU A 199 7.90 11.79 -1.49
C LEU A 199 9.13 10.91 -1.37
N ASP A 200 8.88 9.61 -1.16
CA ASP A 200 9.95 8.62 -1.08
C ASP A 200 10.07 7.77 -2.33
N ILE A 201 8.98 7.58 -3.07
CA ILE A 201 8.94 6.56 -4.11
C ILE A 201 7.69 6.80 -4.96
N PHE A 202 7.73 6.34 -6.21
CA PHE A 202 6.56 6.27 -7.07
C PHE A 202 6.17 4.83 -7.32
N GLY A 203 4.88 4.59 -7.51
CA GLY A 203 4.38 3.31 -7.96
C GLY A 203 3.28 3.52 -8.99
N PRO A 204 2.89 2.45 -9.66
CA PRO A 204 1.83 2.53 -10.68
C PRO A 204 0.52 3.04 -10.08
N GLY A 205 -0.02 4.10 -10.68
CA GLY A 205 -1.23 4.71 -10.16
C GLY A 205 -2.31 5.11 -11.14
N THR A 206 -2.03 5.12 -12.44
CA THR A 206 -3.03 5.47 -13.45
C THR A 206 -3.54 4.20 -14.11
N ASP A 207 -4.86 4.01 -14.09
CA ASP A 207 -5.54 2.91 -14.77
C ASP A 207 -5.10 1.56 -14.21
N ILE A 208 -5.40 1.36 -12.93
CA ILE A 208 -4.99 0.17 -12.19
C ILE A 208 -6.20 -0.76 -12.02
N LEU A 209 -6.13 -1.94 -12.64
CA LEU A 209 -7.16 -2.96 -12.52
C LEU A 209 -6.99 -3.73 -11.21
N SER A 210 -8.08 -3.89 -10.46
CA SER A 210 -8.06 -4.66 -9.22
C SER A 210 -9.48 -5.09 -8.88
N THR A 211 -9.61 -5.74 -7.73
CA THR A 211 -10.90 -6.21 -7.21
C THR A 211 -11.84 -5.06 -6.87
N TRP A 212 -13.14 -5.36 -6.91
CA TRP A 212 -14.19 -4.42 -6.53
C TRP A 212 -15.27 -5.20 -5.82
N ILE A 213 -16.18 -4.45 -5.17
CA ILE A 213 -17.25 -5.11 -4.42
C ILE A 213 -18.24 -5.78 -5.37
N GLY A 214 -19.04 -6.68 -4.81
CA GLY A 214 -19.88 -7.51 -5.65
C GLY A 214 -19.14 -8.57 -6.41
N GLY A 215 -17.97 -8.99 -5.95
CA GLY A 215 -17.20 -9.99 -6.65
C GLY A 215 -16.74 -9.59 -8.04
N SER A 216 -16.50 -8.30 -8.25
N SER A 216 -16.51 -8.29 -8.26
N SER A 216 -16.50 -8.30 -8.25
N SER A 216 -16.50 -8.30 -8.25
CA SER A 216 -16.22 -7.75 -9.57
CA SER A 216 -16.22 -7.75 -9.57
CA SER A 216 -16.22 -7.75 -9.57
CA SER A 216 -16.21 -7.76 -9.57
C SER A 216 -14.77 -7.25 -9.64
C SER A 216 -14.79 -7.19 -9.61
C SER A 216 -14.77 -7.25 -9.64
C SER A 216 -14.79 -7.19 -9.61
N THR A 217 -14.47 -6.52 -10.72
CA THR A 217 -13.17 -5.88 -10.89
C THR A 217 -13.39 -4.58 -11.64
N ARG A 218 -12.47 -3.63 -11.45
CA ARG A 218 -12.49 -2.43 -12.27
C ARG A 218 -11.14 -1.72 -12.18
N SER A 219 -10.96 -0.76 -13.08
N SER A 219 -10.96 -0.79 -13.11
N SER A 219 -10.96 -0.76 -13.08
N SER A 219 -10.95 -0.79 -13.12
CA SER A 219 -9.73 0.02 -13.19
CA SER A 219 -9.76 0.03 -13.19
CA SER A 219 -9.73 0.02 -13.19
CA SER A 219 -9.76 0.03 -13.19
C SER A 219 -10.01 1.45 -12.74
C SER A 219 -10.09 1.42 -12.66
C SER A 219 -10.01 1.45 -12.74
C SER A 219 -10.10 1.42 -12.65
N ILE A 220 -9.28 1.91 -11.72
CA ILE A 220 -9.36 3.28 -11.21
C ILE A 220 -7.94 3.82 -11.05
N SER A 221 -7.84 5.12 -10.78
CA SER A 221 -6.57 5.83 -10.73
C SER A 221 -6.44 6.63 -9.45
N GLY A 222 -5.20 6.75 -8.98
CA GLY A 222 -4.88 7.62 -7.86
C GLY A 222 -3.58 7.23 -7.21
N THR A 223 -3.05 8.15 -6.39
CA THR A 223 -1.96 7.74 -5.49
C THR A 223 -2.45 6.68 -4.52
N SER A 224 -3.76 6.59 -4.32
CA SER A 224 -4.38 5.52 -3.56
C SER A 224 -4.10 4.17 -4.18
N MET A 225 -3.84 4.11 -5.49
CA MET A 225 -3.59 2.85 -6.19
C MET A 225 -2.09 2.55 -6.21
N ALA A 226 -1.25 3.60 -6.19
CA ALA A 226 0.19 3.39 -6.14
C ALA A 226 0.62 2.87 -4.77
N THR A 227 -0.02 3.36 -3.72
CA THR A 227 0.34 3.01 -2.34
C THR A 227 0.31 1.52 -2.09
N PRO A 228 -0.75 0.77 -2.43
CA PRO A 228 -0.76 -0.67 -2.18
C PRO A 228 0.23 -1.44 -3.05
N HIS A 229 0.68 -0.90 -4.19
CA HIS A 229 1.78 -1.57 -4.88
C HIS A 229 3.02 -1.56 -4.00
N VAL A 230 3.31 -0.42 -3.38
CA VAL A 230 4.48 -0.31 -2.50
C VAL A 230 4.29 -1.13 -1.24
N ALA A 231 3.09 -1.09 -0.65
CA ALA A 231 2.82 -1.91 0.54
C ALA A 231 2.99 -3.40 0.24
N GLY A 232 2.45 -3.86 -0.88
CA GLY A 232 2.63 -5.27 -1.24
C GLY A 232 4.07 -5.61 -1.54
N LEU A 233 4.79 -4.70 -2.18
CA LEU A 233 6.22 -4.91 -2.42
C LEU A 233 6.98 -5.05 -1.11
N ALA A 234 6.66 -4.19 -0.12
CA ALA A 234 7.32 -4.28 1.18
C ALA A 234 7.08 -5.65 1.83
N ALA A 235 5.83 -6.13 1.80
CA ALA A 235 5.52 -7.44 2.38
C ALA A 235 6.28 -8.55 1.68
N TYR A 236 6.35 -8.48 0.35
CA TYR A 236 7.11 -9.43 -0.46
C TYR A 236 8.59 -9.45 -0.09
N LEU A 237 9.20 -8.26 0.03
CA LEU A 237 10.63 -8.19 0.33
C LEU A 237 10.92 -8.59 1.77
N MET A 238 10.00 -8.30 2.69
N MET A 238 10.01 -8.29 2.69
N MET A 238 10.00 -8.30 2.69
N MET A 238 10.01 -8.28 2.69
CA MET A 238 10.16 -8.68 4.08
CA MET A 238 10.20 -8.71 4.06
CA MET A 238 10.16 -8.68 4.08
CA MET A 238 10.19 -8.71 4.08
C MET A 238 10.04 -10.20 4.26
C MET A 238 10.14 -10.23 4.18
C MET A 238 10.04 -10.20 4.26
C MET A 238 10.13 -10.23 4.18
N THR A 239 9.20 -10.86 3.46
CA THR A 239 9.13 -12.32 3.48
C THR A 239 10.43 -12.95 2.94
N LEU A 240 11.04 -12.33 1.93
CA LEU A 240 12.34 -12.80 1.43
C LEU A 240 13.48 -12.54 2.40
N GLY A 241 13.25 -11.77 3.46
CA GLY A 241 14.31 -11.45 4.41
C GLY A 241 15.24 -10.35 3.97
N LYS A 242 14.90 -9.63 2.89
N LYS A 242 14.89 -9.63 2.89
N LYS A 242 14.90 -9.63 2.89
N LYS A 242 14.89 -9.64 2.88
CA LYS A 242 15.81 -8.62 2.37
CA LYS A 242 15.76 -8.61 2.33
CA LYS A 242 15.81 -8.62 2.37
CA LYS A 242 15.76 -8.61 2.33
C LYS A 242 15.75 -7.31 3.12
C LYS A 242 15.78 -7.35 3.19
C LYS A 242 15.75 -7.31 3.12
C LYS A 242 15.78 -7.35 3.18
N THR A 243 14.71 -7.09 3.93
CA THR A 243 14.57 -5.84 4.67
C THR A 243 13.60 -6.08 5.83
N THR A 244 13.39 -5.02 6.61
CA THR A 244 12.54 -5.05 7.80
C THR A 244 11.54 -3.91 7.71
N ALA A 245 10.60 -3.90 8.65
CA ALA A 245 9.59 -2.85 8.63
C ALA A 245 10.22 -1.47 8.78
N ALA A 246 11.25 -1.35 9.62
CA ALA A 246 11.89 -0.07 9.87
C ALA A 246 12.73 0.40 8.69
N SER A 247 13.17 -0.51 7.84
CA SER A 247 14.13 -0.18 6.79
C SER A 247 13.58 -0.34 5.39
N ALA A 248 12.33 -0.82 5.22
CA ALA A 248 11.85 -1.22 3.91
C ALA A 248 11.66 -0.03 2.96
N CYS A 249 11.23 1.13 3.47
CA CYS A 249 11.08 2.28 2.58
C CYS A 249 12.43 2.66 1.99
N ARG A 250 13.45 2.73 2.85
N ARG A 250 13.46 2.76 2.85
N ARG A 250 13.45 2.73 2.85
N ARG A 250 13.45 2.74 2.84
CA ARG A 250 14.80 3.04 2.39
CA ARG A 250 14.81 3.05 2.36
CA ARG A 250 14.80 3.04 2.39
CA ARG A 250 14.81 3.04 2.36
C ARG A 250 15.32 1.98 1.41
C ARG A 250 15.29 1.98 1.38
C ARG A 250 15.32 1.98 1.41
C ARG A 250 15.29 1.98 1.38
N TYR A 251 15.01 0.71 1.66
CA TYR A 251 15.47 -0.36 0.78
C TYR A 251 14.78 -0.27 -0.58
N ILE A 252 13.47 0.01 -0.58
CA ILE A 252 12.74 0.16 -1.83
C ILE A 252 13.30 1.34 -2.64
N ALA A 253 13.60 2.45 -1.97
CA ALA A 253 14.23 3.57 -2.67
C ALA A 253 15.63 3.23 -3.19
N ASP A 254 16.42 2.51 -2.38
CA ASP A 254 17.79 2.13 -2.77
C ASP A 254 17.78 1.24 -4.01
N THR A 255 16.78 0.38 -4.15
CA THR A 255 16.73 -0.62 -5.20
C THR A 255 15.78 -0.23 -6.34
N ALA A 256 15.21 0.98 -6.29
CA ALA A 256 14.25 1.41 -7.28
C ALA A 256 14.88 1.62 -8.67
N ASN A 257 14.05 1.63 -9.70
CA ASN A 257 14.49 2.15 -10.99
C ASN A 257 14.61 3.67 -10.90
N LYS A 258 15.78 4.20 -11.26
CA LYS A 258 16.13 5.60 -11.00
C LYS A 258 16.20 6.37 -12.32
N GLY A 259 15.58 7.55 -12.33
CA GLY A 259 15.67 8.43 -13.48
C GLY A 259 14.82 8.07 -14.67
N ASP A 260 13.84 7.17 -14.52
CA ASP A 260 13.06 6.68 -15.64
C ASP A 260 11.73 7.41 -15.83
N LEU A 261 11.29 8.23 -14.89
CA LEU A 261 10.00 8.88 -14.98
C LEU A 261 10.13 10.28 -15.58
N SER A 262 9.13 10.69 -16.34
CA SER A 262 9.07 12.05 -16.88
C SER A 262 8.08 12.91 -16.08
N ASN A 263 8.23 14.23 -16.24
CA ASN A 263 7.44 15.23 -15.53
C ASN A 263 7.56 15.12 -14.02
N ILE A 264 8.77 14.82 -13.54
CA ILE A 264 9.10 14.86 -12.12
C ILE A 264 9.62 16.26 -11.81
N PRO A 265 8.96 17.02 -10.95
CA PRO A 265 9.45 18.37 -10.63
C PRO A 265 10.83 18.32 -10.00
N PHE A 266 11.59 19.37 -10.26
CA PHE A 266 12.90 19.50 -9.63
C PHE A 266 12.74 19.45 -8.12
N GLY A 267 13.49 18.58 -7.47
CA GLY A 267 13.39 18.43 -6.04
C GLY A 267 12.61 17.21 -5.57
N THR A 268 11.92 16.55 -6.47
CA THR A 268 11.19 15.32 -6.17
C THR A 268 12.01 14.13 -6.65
N VAL A 269 12.02 13.05 -5.86
CA VAL A 269 12.72 11.84 -6.26
C VAL A 269 12.22 11.31 -7.60
N ASN A 270 13.13 10.78 -8.40
CA ASN A 270 12.79 10.10 -9.65
C ASN A 270 13.08 8.62 -9.44
N LEU A 271 12.20 7.97 -8.68
CA LEU A 271 12.42 6.59 -8.21
C LEU A 271 11.12 5.83 -8.38
N LEU A 272 11.19 4.67 -9.04
CA LEU A 272 10.03 3.84 -9.34
C LEU A 272 10.22 2.47 -8.70
N ALA A 273 9.26 2.06 -7.87
CA ALA A 273 9.38 0.80 -7.13
C ALA A 273 9.67 -0.38 -8.06
N TYR A 274 10.60 -1.24 -7.62
CA TYR A 274 11.10 -2.35 -8.43
C TYR A 274 11.51 -3.51 -7.52
N ASN A 275 11.08 -4.73 -7.86
CA ASN A 275 11.34 -5.87 -6.97
C ASN A 275 12.69 -6.53 -7.20
N ASN A 276 13.44 -6.15 -8.24
CA ASN A 276 14.77 -6.67 -8.53
C ASN A 276 14.80 -8.19 -8.65
N TYR A 277 13.69 -8.79 -9.06
CA TYR A 277 13.65 -10.25 -9.16
C TYR A 277 14.34 -10.73 -10.44
N GLN A 278 15.24 -11.69 -10.26
CA GLN A 278 15.93 -12.44 -11.31
C GLN A 278 15.64 -13.91 -11.12
N ALA A 279 14.99 -14.54 -12.09
CA ALA A 279 14.67 -15.96 -12.00
C ALA A 279 15.93 -16.81 -12.04
S SO4 B . -3.92 -3.21 -18.43
O1 SO4 B . -4.93 -2.16 -18.38
O2 SO4 B . -2.83 -2.84 -19.33
O3 SO4 B . -3.38 -3.42 -17.10
O4 SO4 B . -4.52 -4.47 -18.88
C1 AMH C . 4.83 -11.38 15.64
C2 AMH C . 3.44 -11.31 16.29
C3 AMH C . 2.49 -10.35 15.56
C4 AMH C . 3.28 -9.13 15.01
C5 AMH C . 4.47 -9.41 14.10
C6 AMH C . 4.87 -10.87 14.20
C7 AMH C . 3.76 -8.31 16.23
C8 AMH C . 5.25 -12.83 15.53
N AMH C . 5.02 -7.66 15.89
O1 AMH C . 4.91 -13.46 14.51
O2 AMH C . 5.95 -13.36 16.44
#